data_4TXE
#
_entry.id   4TXE
#
_cell.length_a   72.773
_cell.length_b   112.159
_cell.length_c   37.164
_cell.angle_alpha   90.00
_cell.angle_beta   90.00
_cell.angle_gamma   90.00
#
_symmetry.space_group_name_H-M   'P 21 21 2'
#
loop_
_entity.id
_entity.type
_entity.pdbx_description
1 polymer Endochitinase
2 non-polymer (2S)-1-(2,3-dihydro-1H-inden-2-ylamino)-3-(3,4-dimethylphenoxy)propan-2-ol
3 water water
#
_entity_poly.entity_id   1
_entity_poly.type   'polypeptide(L)'
_entity_poly.pdbx_seq_one_letter_code
;DRSANTNIAVYWGQNSAGTQESLATYCESSDADIFLLSFLNQFPTLGLNFANACSDTFSDGLLHCTQIAEDIETCQSLGK
KVLLSLGGASGSYLFSDDSQAETFAQTLWDTFGEGTGASERPFDSAVVDGFDFDIENNNEVGYSALATKLRTLFAEGTKQ
YYLSAAPQCPYPDASVGDLLENADIDFAFIQFYNNYCSVSGQFNWDTWLTYAQTVSPNKNIKLFLGLPGSASAAGSGYIS
DTSLLESTIADIASSSSFGGIALWDASQAFSNELNGEPYVEILKNLLTSASQTA
;
_entity_poly.pdbx_strand_id   A
#
loop_
_chem_comp.id
_chem_comp.type
_chem_comp.name
_chem_comp.formula
38F non-polymer (2S)-1-(2,3-dihydro-1H-inden-2-ylamino)-3-(3,4-dimethylphenoxy)propan-2-ol 'C20 H25 N O2'
#
# COMPACT_ATOMS: atom_id res chain seq x y z
N ALA A 4 -9.28 -11.68 9.58
CA ALA A 4 -8.30 -10.82 8.84
C ALA A 4 -6.84 -11.08 9.29
N ASN A 5 -6.44 -12.35 9.24
CA ASN A 5 -5.08 -12.77 8.93
C ASN A 5 -4.97 -13.32 7.51
N THR A 6 -5.95 -12.99 6.67
CA THR A 6 -6.05 -13.60 5.37
C THR A 6 -6.08 -12.53 4.28
N ASN A 7 -5.74 -11.26 4.57
CA ASN A 7 -5.87 -10.26 3.48
C ASN A 7 -4.70 -10.32 2.51
N ILE A 8 -4.99 -10.15 1.22
CA ILE A 8 -3.97 -9.86 0.25
C ILE A 8 -4.08 -8.39 -0.20
N ALA A 9 -2.96 -7.70 -0.12
CA ALA A 9 -2.82 -6.32 -0.64
C ALA A 9 -1.98 -6.35 -1.90
N VAL A 10 -2.44 -5.64 -2.94
CA VAL A 10 -1.67 -5.48 -4.17
C VAL A 10 -1.51 -4.04 -4.52
N TYR A 11 -0.29 -3.70 -4.94
CA TYR A 11 -0.03 -2.44 -5.66
C TYR A 11 -0.61 -2.51 -7.05
N TRP A 12 -1.21 -1.42 -7.52
CA TRP A 12 -1.68 -1.30 -8.90
C TRP A 12 -1.34 0.10 -9.40
N GLY A 13 -0.91 0.21 -10.67
CA GLY A 13 -0.82 1.51 -11.32
C GLY A 13 0.44 1.72 -12.10
N GLN A 14 1.50 1.02 -11.69
CA GLN A 14 2.82 1.13 -12.35
C GLN A 14 3.12 0.03 -13.36
N ASN A 15 2.20 -0.90 -13.57
CA ASN A 15 2.28 -1.81 -14.72
C ASN A 15 3.62 -2.54 -14.75
N SER A 16 4.02 -3.12 -13.63
CA SER A 16 5.26 -3.90 -13.61
C SER A 16 5.33 -4.97 -14.71
N ALA A 17 4.23 -5.68 -14.99
CA ALA A 17 4.22 -6.82 -15.96
C ALA A 17 4.01 -6.42 -17.42
N GLY A 18 3.74 -5.14 -17.66
CA GLY A 18 3.41 -4.65 -18.98
C GLY A 18 1.96 -4.82 -19.37
N THR A 19 1.31 -5.86 -18.83
CA THR A 19 0.02 -6.30 -19.30
C THR A 19 -1.10 -5.86 -18.31
N GLN A 20 -0.83 -4.83 -17.53
CA GLN A 20 -1.73 -4.36 -16.47
C GLN A 20 -3.09 -4.00 -17.06
N GLU A 21 -4.12 -4.60 -16.48
CA GLU A 21 -5.50 -4.28 -16.82
C GLU A 21 -6.08 -3.23 -15.91
N SER A 22 -7.35 -2.87 -16.17
CA SER A 22 -8.03 -1.89 -15.29
C SER A 22 -8.05 -2.30 -13.83
N LEU A 23 -8.08 -1.30 -12.96
CA LEU A 23 -8.21 -1.54 -11.54
C LEU A 23 -9.40 -2.43 -11.27
N ALA A 24 -10.55 -2.16 -11.88
CA ALA A 24 -11.78 -2.92 -11.57
C ALA A 24 -11.60 -4.39 -11.96
N THR A 25 -10.84 -4.69 -13.01
CA THR A 25 -10.56 -6.07 -13.41
C THR A 25 -10.00 -6.88 -12.26
N TYR A 26 -9.04 -6.27 -11.55
CA TYR A 26 -8.41 -6.95 -10.45
C TYR A 26 -9.31 -7.00 -9.20
N CYS A 27 -10.13 -5.98 -8.98
CA CYS A 27 -11.14 -6.04 -7.89
C CYS A 27 -12.20 -7.09 -8.11
N GLU A 28 -12.49 -7.42 -9.36
CA GLU A 28 -13.51 -8.40 -9.69
C GLU A 28 -12.93 -9.81 -9.60
N SER A 29 -11.64 -9.93 -9.32
CA SER A 29 -10.96 -11.23 -9.30
C SER A 29 -11.13 -12.11 -8.05
N SER A 30 -11.39 -11.56 -6.86
CA SER A 30 -11.47 -12.40 -5.57
C SER A 30 -10.10 -12.82 -4.91
N ASP A 31 -9.02 -12.70 -5.65
CA ASP A 31 -7.72 -13.02 -5.09
C ASP A 31 -7.10 -11.89 -4.23
N ALA A 32 -7.71 -10.70 -4.20
CA ALA A 32 -7.13 -9.57 -3.43
C ALA A 32 -8.19 -8.67 -2.81
N ASP A 33 -7.84 -8.10 -1.66
CA ASP A 33 -8.73 -7.38 -0.75
C ASP A 33 -8.45 -5.86 -0.65
N ILE A 34 -7.17 -5.50 -0.75
CA ILE A 34 -6.68 -4.13 -0.57
C ILE A 34 -5.84 -3.76 -1.79
N PHE A 35 -6.11 -2.59 -2.35
CA PHE A 35 -5.52 -2.13 -3.60
C PHE A 35 -4.83 -0.79 -3.30
N LEU A 36 -3.55 -0.71 -3.66
CA LEU A 36 -2.74 0.49 -3.37
C LEU A 36 -2.39 1.18 -4.67
N LEU A 37 -2.99 2.34 -4.91
CA LEU A 37 -2.88 3.03 -6.19
C LEU A 37 -1.51 3.73 -6.27
N SER A 38 -0.70 3.34 -7.25
CA SER A 38 0.72 3.65 -7.30
C SER A 38 0.95 4.50 -8.50
N PHE A 39 1.21 5.82 -8.36
CA PHE A 39 1.46 6.58 -7.12
C PHE A 39 1.01 8.05 -7.26
N LEU A 40 0.76 8.67 -6.13
CA LEU A 40 1.00 10.12 -5.98
C LEU A 40 2.48 10.33 -5.77
N ASN A 41 3.18 10.54 -6.88
CA ASN A 41 4.63 10.50 -6.89
C ASN A 41 5.27 11.88 -6.73
N GLN A 42 4.42 12.90 -6.69
CA GLN A 42 4.87 14.26 -6.51
C GLN A 42 4.01 14.99 -5.49
N PHE A 43 4.66 15.61 -4.52
CA PHE A 43 3.99 16.38 -3.44
C PHE A 43 5.07 17.18 -2.67
N PRO A 44 4.68 18.30 -2.04
CA PRO A 44 3.29 18.76 -1.84
C PRO A 44 2.59 19.32 -3.08
N THR A 45 3.33 19.83 -4.06
CA THR A 45 2.73 20.19 -5.37
C THR A 45 2.29 18.90 -6.05
N LEU A 46 0.97 18.71 -6.19
CA LEU A 46 0.42 17.41 -6.51
C LEU A 46 0.81 16.91 -7.89
N GLY A 47 1.20 15.64 -7.94
CA GLY A 47 1.33 14.96 -9.22
C GLY A 47 1.12 13.47 -9.05
N LEU A 48 0.35 12.89 -9.97
CA LEU A 48 0.03 11.48 -10.02
C LEU A 48 0.71 10.85 -11.22
N ASN A 49 0.97 9.56 -11.12
CA ASN A 49 1.41 8.78 -12.27
C ASN A 49 0.84 7.37 -12.18
N PHE A 50 0.08 6.95 -13.19
CA PHE A 50 -0.46 5.59 -13.27
C PHE A 50 -0.12 4.86 -14.60
N ALA A 51 1.07 5.11 -15.08
CA ALA A 51 1.55 4.53 -16.34
C ALA A 51 0.47 4.69 -17.42
N ASN A 52 0.01 3.60 -18.03
CA ASN A 52 -0.93 3.67 -19.17
C ASN A 52 -2.39 3.82 -18.78
N ALA A 53 -2.69 3.80 -17.49
CA ALA A 53 -4.06 3.67 -17.05
C ALA A 53 -4.75 5.01 -16.91
N CYS A 54 -4.00 6.10 -17.08
CA CYS A 54 -4.66 7.38 -17.07
C CYS A 54 -3.72 8.38 -17.72
N SER A 55 -4.19 9.07 -18.73
CA SER A 55 -3.36 10.09 -19.40
C SER A 55 -4.02 11.48 -19.50
N ASP A 56 -5.34 11.55 -19.39
CA ASP A 56 -6.04 12.83 -19.36
C ASP A 56 -5.62 13.69 -18.16
N THR A 57 -5.70 15.02 -18.33
CA THR A 57 -5.34 15.96 -17.26
C THR A 57 -6.35 17.09 -17.15
N PHE A 58 -6.37 17.72 -16.00
CA PHE A 58 -6.83 19.08 -15.88
C PHE A 58 -5.93 20.01 -16.68
N SER A 59 -6.38 21.23 -16.92
CA SER A 59 -5.60 22.20 -17.72
C SER A 59 -4.21 22.38 -17.12
N ASP A 60 -4.17 22.36 -15.79
CA ASP A 60 -2.91 22.60 -15.04
C ASP A 60 -1.98 21.38 -14.98
N GLY A 61 -2.33 20.30 -15.69
CA GLY A 61 -1.48 19.15 -15.79
C GLY A 61 -1.71 18.05 -14.76
N LEU A 62 -2.54 18.28 -13.75
CA LEU A 62 -2.79 17.27 -12.76
C LEU A 62 -3.63 16.17 -13.43
N LEU A 63 -3.31 14.91 -13.17
CA LEU A 63 -4.07 13.84 -13.83
C LEU A 63 -5.54 13.89 -13.46
N HIS A 64 -6.37 13.55 -14.44
CA HIS A 64 -7.79 13.49 -14.26
C HIS A 64 -8.26 12.13 -14.81
N CYS A 65 -8.75 11.25 -13.94
CA CYS A 65 -8.77 9.82 -14.23
C CYS A 65 -10.18 9.24 -14.05
N THR A 66 -11.03 9.41 -15.07
CA THR A 66 -12.45 9.11 -14.89
C THR A 66 -12.66 7.59 -14.80
N GLN A 67 -11.86 6.83 -15.55
CA GLN A 67 -12.01 5.37 -15.47
C GLN A 67 -11.53 4.82 -14.14
N ILE A 68 -10.39 5.33 -13.64
CA ILE A 68 -9.98 4.89 -12.31
C ILE A 68 -11.06 5.26 -11.26
N ALA A 69 -11.62 6.47 -11.38
CA ALA A 69 -12.67 6.89 -10.45
C ALA A 69 -13.85 5.89 -10.43
N GLU A 70 -14.33 5.53 -11.61
CA GLU A 70 -15.44 4.60 -11.72
C GLU A 70 -15.04 3.26 -11.11
N ASP A 71 -13.82 2.83 -11.37
CA ASP A 71 -13.34 1.56 -10.82
C ASP A 71 -13.16 1.54 -9.32
N ILE A 72 -12.73 2.63 -8.74
CA ILE A 72 -12.66 2.74 -7.29
C ILE A 72 -14.02 2.48 -6.71
N GLU A 73 -15.03 3.07 -7.30
CA GLU A 73 -16.40 2.88 -6.79
C GLU A 73 -16.84 1.44 -6.97
N THR A 74 -16.52 0.84 -8.11
CA THR A 74 -16.87 -0.55 -8.33
C THR A 74 -16.17 -1.45 -7.30
N CYS A 75 -14.87 -1.24 -7.17
CA CYS A 75 -14.04 -1.97 -6.16
C CYS A 75 -14.69 -1.91 -4.76
N GLN A 76 -15.06 -0.72 -4.37
CA GLN A 76 -15.67 -0.54 -3.05
C GLN A 76 -16.98 -1.24 -2.88
N SER A 77 -17.82 -1.20 -3.91
CA SER A 77 -19.09 -1.89 -3.86
C SER A 77 -18.84 -3.38 -3.58
N LEU A 78 -17.74 -3.91 -4.11
CA LEU A 78 -17.40 -5.33 -3.94
C LEU A 78 -16.64 -5.59 -2.64
N GLY A 79 -16.60 -4.58 -1.78
CA GLY A 79 -15.99 -4.70 -0.45
C GLY A 79 -14.49 -4.56 -0.41
N LYS A 80 -13.83 -4.12 -1.51
CA LYS A 80 -12.40 -3.95 -1.51
C LYS A 80 -12.07 -2.58 -0.94
N LYS A 81 -10.90 -2.48 -0.33
CA LYS A 81 -10.33 -1.19 0.09
C LYS A 81 -9.28 -0.66 -0.87
N VAL A 82 -9.40 0.63 -1.22
CA VAL A 82 -8.54 1.25 -2.21
C VAL A 82 -7.86 2.48 -1.59
N LEU A 83 -6.55 2.37 -1.37
CA LEU A 83 -5.77 3.44 -0.78
C LEU A 83 -4.93 4.09 -1.87
N LEU A 84 -4.70 5.39 -1.75
CA LEU A 84 -3.75 6.06 -2.63
C LEU A 84 -2.36 5.94 -2.04
N SER A 85 -1.41 5.40 -2.81
CA SER A 85 -0.02 5.27 -2.34
C SER A 85 0.82 6.51 -2.71
N LEU A 86 1.38 7.15 -1.68
CA LEU A 86 2.29 8.28 -1.82
C LEU A 86 3.70 7.76 -1.99
N GLY A 87 4.40 8.32 -2.98
CA GLY A 87 5.82 8.22 -3.05
C GLY A 87 6.27 7.36 -4.20
N GLY A 88 6.87 6.20 -3.86
CA GLY A 88 7.49 5.31 -4.81
C GLY A 88 8.88 5.77 -5.17
N ALA A 89 9.44 5.17 -6.22
CA ALA A 89 10.86 5.31 -6.48
C ALA A 89 11.30 6.72 -7.01
N SER A 90 10.37 7.58 -7.38
CA SER A 90 10.74 8.89 -8.00
C SER A 90 11.53 9.84 -7.08
N GLY A 91 11.33 9.74 -5.78
CA GLY A 91 11.70 10.85 -4.87
C GLY A 91 11.35 12.32 -5.20
N SER A 92 10.57 12.65 -6.28
CA SER A 92 9.98 14.02 -6.50
C SER A 92 8.99 14.50 -5.40
N TYR A 93 9.36 14.23 -4.18
CA TYR A 93 8.56 14.58 -3.02
C TYR A 93 9.47 14.81 -1.83
N LEU A 94 9.04 15.73 -0.95
CA LEU A 94 9.77 16.11 0.30
C LEU A 94 8.90 17.10 1.09
N PHE A 95 8.79 16.90 2.40
CA PHE A 95 8.34 17.97 3.28
C PHE A 95 9.51 18.70 3.94
N SER A 96 9.40 20.03 4.00
CA SER A 96 10.35 20.85 4.79
C SER A 96 10.16 20.76 6.32
N ASP A 97 8.94 20.53 6.78
CA ASP A 97 8.62 20.55 8.21
C ASP A 97 7.23 20.04 8.47
N ASP A 98 6.91 19.88 9.75
CA ASP A 98 5.64 19.34 10.16
C ASP A 98 4.46 20.23 9.78
N SER A 99 4.64 21.56 9.86
CA SER A 99 3.55 22.48 9.50
C SER A 99 3.15 22.33 8.06
N GLN A 100 4.15 22.23 7.20
CA GLN A 100 3.89 22.02 5.78
C GLN A 100 3.15 20.72 5.54
N ALA A 101 3.54 19.69 6.27
CA ALA A 101 2.93 18.39 6.14
C ALA A 101 1.52 18.36 6.71
N GLU A 102 1.27 19.09 7.79
CA GLU A 102 -0.09 19.27 8.30
C GLU A 102 -1.03 20.00 7.32
N THR A 103 -0.56 21.05 6.68
CA THR A 103 -1.33 21.75 5.62
C THR A 103 -1.66 20.70 4.54
N PHE A 104 -0.70 19.83 4.25
CA PHE A 104 -0.86 18.86 3.18
C PHE A 104 -1.93 17.80 3.51
N ALA A 105 -2.11 17.48 4.79
CA ALA A 105 -3.22 16.60 5.20
C ALA A 105 -4.56 17.15 4.73
N GLN A 106 -4.78 18.45 4.96
CA GLN A 106 -6.01 19.06 4.45
C GLN A 106 -6.13 18.95 2.94
N THR A 107 -5.05 19.23 2.23
CA THR A 107 -5.01 19.09 0.79
C THR A 107 -5.40 17.68 0.34
N LEU A 108 -4.81 16.66 0.93
CA LEU A 108 -5.23 15.26 0.65
C LEU A 108 -6.72 14.98 0.90
N TRP A 109 -7.19 15.45 2.05
CA TRP A 109 -8.56 15.27 2.45
C TRP A 109 -9.52 15.91 1.46
N ASP A 110 -9.23 17.13 1.02
CA ASP A 110 -10.13 17.84 0.08
C ASP A 110 -9.97 17.34 -1.37
N THR A 111 -8.79 16.83 -1.71
CA THR A 111 -8.52 16.38 -3.09
C THR A 111 -9.00 14.94 -3.32
N PHE A 112 -8.76 14.08 -2.34
CA PHE A 112 -8.97 12.62 -2.48
C PHE A 112 -10.00 12.02 -1.49
N GLY A 113 -10.26 12.70 -0.37
CA GLY A 113 -11.13 12.20 0.65
C GLY A 113 -12.49 12.87 0.62
N GLU A 114 -13.10 13.06 1.81
CA GLU A 114 -14.43 13.65 1.93
C GLU A 114 -14.40 15.10 2.38
N GLY A 115 -13.26 15.74 2.30
CA GLY A 115 -13.17 17.14 2.50
C GLY A 115 -14.03 17.93 1.52
N THR A 116 -14.60 19.01 2.01
CA THR A 116 -15.58 19.82 1.28
C THR A 116 -14.93 21.03 0.61
N GLY A 117 -13.64 21.23 0.88
CA GLY A 117 -12.87 22.30 0.25
C GLY A 117 -12.72 22.07 -1.23
N ALA A 118 -13.08 23.07 -2.05
CA ALA A 118 -13.20 22.85 -3.47
C ALA A 118 -11.75 22.84 -3.93
N SER A 119 -11.31 21.71 -4.45
CA SER A 119 -10.06 21.62 -5.20
C SER A 119 -10.25 20.63 -6.35
N GLU A 120 -9.31 20.60 -7.27
CA GLU A 120 -9.42 19.71 -8.41
C GLU A 120 -9.31 18.24 -7.93
N ARG A 121 -10.28 17.41 -8.31
CA ARG A 121 -10.33 16.02 -7.82
C ARG A 121 -10.00 15.07 -8.94
N PRO A 122 -8.81 14.45 -8.87
CA PRO A 122 -8.45 13.54 -9.96
C PRO A 122 -9.44 12.38 -10.16
N PHE A 123 -10.10 11.97 -9.10
CA PHE A 123 -11.07 10.86 -9.17
C PHE A 123 -12.51 11.33 -9.00
N ASP A 124 -12.80 12.58 -9.42
CA ASP A 124 -14.14 13.13 -9.37
C ASP A 124 -14.79 12.85 -8.01
N SER A 125 -16.00 12.25 -7.96
CA SER A 125 -16.68 12.11 -6.67
CA SER A 125 -16.73 12.08 -6.70
C SER A 125 -16.31 10.80 -5.95
N ALA A 126 -15.47 9.96 -6.55
CA ALA A 126 -14.95 8.81 -5.86
C ALA A 126 -14.06 9.26 -4.71
N VAL A 127 -14.03 8.46 -3.66
CA VAL A 127 -13.35 8.79 -2.42
C VAL A 127 -12.48 7.60 -2.08
N VAL A 128 -11.18 7.83 -1.93
CA VAL A 128 -10.27 6.77 -1.50
C VAL A 128 -10.59 6.30 -0.09
N ASP A 129 -10.09 5.11 0.26
CA ASP A 129 -10.29 4.54 1.61
C ASP A 129 -9.13 4.85 2.54
N GLY A 130 -8.19 5.65 2.05
CA GLY A 130 -7.06 6.10 2.86
C GLY A 130 -5.81 6.20 2.02
N PHE A 131 -4.67 6.11 2.70
CA PHE A 131 -3.36 6.42 2.09
C PHE A 131 -2.30 5.46 2.57
N ASP A 132 -1.45 5.07 1.62
CA ASP A 132 -0.26 4.26 1.88
C ASP A 132 0.95 5.18 1.76
N PHE A 133 1.89 5.07 2.69
CA PHE A 133 3.13 5.82 2.65
C PHE A 133 4.30 4.94 2.16
N ASP A 134 4.52 4.95 0.84
CA ASP A 134 5.58 4.23 0.22
C ASP A 134 6.75 5.19 -0.03
N ILE A 135 7.30 5.69 1.06
CA ILE A 135 8.36 6.72 1.02
C ILE A 135 9.67 6.00 0.85
N GLU A 136 10.50 6.44 -0.12
CA GLU A 136 11.71 5.69 -0.47
C GLU A 136 12.95 6.58 -0.57
N ASN A 137 12.87 7.84 -0.14
CA ASN A 137 13.97 8.81 -0.38
C ASN A 137 14.83 9.02 0.87
N ASN A 138 14.55 8.26 1.94
CA ASN A 138 15.33 8.30 3.21
C ASN A 138 15.22 9.64 3.94
N ASN A 139 14.14 10.38 3.65
CA ASN A 139 13.78 11.57 4.41
C ASN A 139 12.44 11.39 5.10
N GLU A 140 12.46 11.50 6.42
CA GLU A 140 11.32 11.17 7.25
C GLU A 140 10.51 12.36 7.68
N VAL A 141 10.89 13.57 7.25
CA VAL A 141 10.27 14.78 7.82
C VAL A 141 8.79 14.83 7.42
N GLY A 142 7.92 15.04 8.41
CA GLY A 142 6.54 15.45 8.15
C GLY A 142 5.53 14.30 8.18
N TYR A 143 5.96 13.05 7.99
CA TYR A 143 4.96 12.01 7.72
C TYR A 143 4.14 11.70 8.96
N SER A 144 4.79 11.66 10.13
CA SER A 144 4.04 11.36 11.34
CA SER A 144 4.05 11.39 11.34
C SER A 144 3.00 12.47 11.62
N ALA A 145 3.38 13.74 11.44
CA ALA A 145 2.48 14.85 11.63
C ALA A 145 1.32 14.80 10.60
N LEU A 146 1.64 14.42 9.37
CA LEU A 146 0.62 14.28 8.32
C LEU A 146 -0.41 13.22 8.68
N ALA A 147 0.08 12.06 9.09
CA ALA A 147 -0.76 10.95 9.51
C ALA A 147 -1.66 11.33 10.68
N THR A 148 -1.09 12.00 11.65
CA THR A 148 -1.83 12.34 12.83
C THR A 148 -2.96 13.36 12.52
N LYS A 149 -2.63 14.35 11.72
CA LYS A 149 -3.63 15.32 11.26
C LYS A 149 -4.71 14.65 10.43
N LEU A 150 -4.32 13.75 9.54
CA LEU A 150 -5.32 13.03 8.76
C LEU A 150 -6.32 12.30 9.64
N ARG A 151 -5.86 11.66 10.72
CA ARG A 151 -6.76 10.96 11.65
C ARG A 151 -7.87 11.86 12.22
N THR A 152 -7.51 13.11 12.53
CA THR A 152 -8.48 14.10 12.94
C THR A 152 -9.49 14.40 11.85
N LEU A 153 -9.01 14.59 10.64
CA LEU A 153 -9.88 14.95 9.56
C LEU A 153 -10.83 13.79 9.17
N PHE A 154 -10.34 12.57 9.28
CA PHE A 154 -11.15 11.38 8.96
C PHE A 154 -12.43 11.28 9.78
N ALA A 155 -12.46 11.88 10.97
CA ALA A 155 -13.71 11.85 11.74
C ALA A 155 -14.88 12.53 11.05
N GLU A 156 -14.55 13.50 10.20
CA GLU A 156 -15.54 14.22 9.42
C GLU A 156 -16.14 13.37 8.33
N GLY A 157 -15.51 12.24 8.01
CA GLY A 157 -15.98 11.36 6.93
C GLY A 157 -17.13 10.45 7.36
N THR A 158 -17.55 9.56 6.46
CA THR A 158 -18.72 8.71 6.64
C THR A 158 -18.41 7.19 6.51
N LYS A 159 -17.13 6.85 6.51
CA LYS A 159 -16.65 5.51 6.51
C LYS A 159 -15.32 5.45 7.26
N GLN A 160 -14.83 4.23 7.48
CA GLN A 160 -13.55 4.02 8.11
C GLN A 160 -12.47 4.33 7.07
N TYR A 161 -11.41 5.02 7.50
CA TYR A 161 -10.21 5.21 6.68
C TYR A 161 -9.01 4.51 7.22
N TYR A 162 -8.06 4.20 6.34
CA TYR A 162 -6.90 3.40 6.69
C TYR A 162 -5.63 4.14 6.31
N LEU A 163 -4.59 4.01 7.14
CA LEU A 163 -3.26 4.47 6.80
C LEU A 163 -2.34 3.26 6.81
N SER A 164 -1.48 3.18 5.82
CA SER A 164 -0.45 2.13 5.80
C SER A 164 0.92 2.73 5.50
N ALA A 165 1.96 1.96 5.75
CA ALA A 165 3.31 2.26 5.32
C ALA A 165 3.98 1.06 4.74
N ALA A 166 4.96 1.33 3.87
CA ALA A 166 5.65 0.31 3.10
C ALA A 166 7.19 0.29 3.36
N PRO A 167 7.59 -0.03 4.59
CA PRO A 167 9.02 -0.17 4.90
C PRO A 167 9.62 -1.32 4.13
N GLN A 168 10.93 -1.24 3.89
CA GLN A 168 11.72 -2.42 3.70
C GLN A 168 12.01 -3.16 4.99
N CYS A 169 12.40 -4.43 4.90
CA CYS A 169 12.58 -5.22 6.15
C CYS A 169 13.66 -4.74 7.13
N PRO A 170 14.71 -4.05 6.67
CA PRO A 170 15.65 -3.63 7.73
C PRO A 170 14.97 -2.66 8.72
N TYR A 171 15.22 -2.88 10.02
CA TYR A 171 14.59 -2.13 11.07
C TYR A 171 15.62 -1.34 11.87
N PRO A 172 15.38 -0.03 12.09
CA PRO A 172 14.25 0.79 11.65
C PRO A 172 14.39 1.20 10.19
N ASP A 173 13.26 1.39 9.54
CA ASP A 173 13.27 1.88 8.15
C ASP A 173 13.65 3.35 8.06
N ALA A 174 14.54 3.66 7.10
CA ALA A 174 15.09 5.00 6.97
C ALA A 174 14.12 6.04 6.45
N SER A 175 13.01 5.62 5.87
CA SER A 175 12.01 6.53 5.28
C SER A 175 10.70 6.60 6.06
N VAL A 176 10.20 5.45 6.55
CA VAL A 176 8.94 5.41 7.25
C VAL A 176 9.09 4.90 8.69
N GLY A 177 10.32 4.75 9.18
CA GLY A 177 10.50 4.38 10.59
C GLY A 177 9.87 5.34 11.59
N ASP A 178 10.10 6.65 11.41
CA ASP A 178 9.53 7.65 12.32
C ASP A 178 7.98 7.65 12.29
N LEU A 179 7.42 7.61 11.10
CA LEU A 179 5.96 7.37 10.93
C LEU A 179 5.42 6.19 11.71
N LEU A 180 6.07 5.04 11.55
CA LEU A 180 5.63 3.82 12.19
C LEU A 180 5.73 3.87 13.72
N GLU A 181 6.68 4.62 14.23
CA GLU A 181 6.95 4.76 15.66
C GLU A 181 6.11 5.81 16.32
N ASN A 182 5.66 6.78 15.55
CA ASN A 182 5.03 7.98 16.12
C ASN A 182 3.58 8.24 15.69
N ALA A 183 3.04 7.46 14.77
CA ALA A 183 1.68 7.65 14.37
C ALA A 183 0.90 6.34 14.43
N ASP A 184 -0.42 6.48 14.47
CA ASP A 184 -1.37 5.37 14.40
C ASP A 184 -1.51 4.89 12.95
N ILE A 185 -1.01 3.70 12.67
CA ILE A 185 -0.96 3.15 11.33
C ILE A 185 -1.74 1.81 11.38
N ASP A 186 -2.56 1.54 10.36
CA ASP A 186 -3.31 0.30 10.31
C ASP A 186 -2.53 -0.91 9.83
N PHE A 187 -1.76 -0.71 8.76
CA PHE A 187 -1.08 -1.79 8.04
C PHE A 187 0.36 -1.40 7.77
N ALA A 188 1.25 -2.34 8.03
CA ALA A 188 2.64 -2.29 7.56
C ALA A 188 2.92 -3.30 6.49
N PHE A 189 3.19 -2.79 5.29
CA PHE A 189 3.48 -3.66 4.14
C PHE A 189 5.00 -3.77 4.06
N ILE A 190 5.55 -4.78 4.71
CA ILE A 190 7.00 -4.84 4.94
C ILE A 190 7.62 -5.66 3.79
N GLN A 191 8.61 -5.08 3.14
CA GLN A 191 9.24 -5.76 2.00
C GLN A 191 10.37 -6.70 2.42
N PHE A 192 10.08 -8.00 2.38
CA PHE A 192 11.06 -9.04 2.66
C PHE A 192 11.69 -9.57 1.36
N TYR A 193 12.20 -8.64 0.58
CA TYR A 193 13.01 -8.94 -0.60
C TYR A 193 13.93 -7.78 -0.93
N ASN A 194 14.91 -8.05 -1.79
CA ASN A 194 16.01 -7.12 -2.11
C ASN A 194 16.75 -6.62 -0.88
N ASN A 195 16.90 -7.47 0.14
CA ASN A 195 17.51 -7.06 1.41
C ASN A 195 18.00 -8.30 2.13
N TYR A 196 18.90 -8.08 3.11
CA TYR A 196 19.55 -9.13 3.87
C TYR A 196 18.53 -9.96 4.64
N CYS A 197 17.40 -9.33 4.99
CA CYS A 197 16.36 -9.90 5.87
C CYS A 197 15.19 -10.53 5.11
N SER A 198 15.39 -10.80 3.83
CA SER A 198 14.41 -11.53 3.06
C SER A 198 14.14 -12.92 3.64
N VAL A 199 13.08 -13.54 3.13
CA VAL A 199 12.59 -14.80 3.66
C VAL A 199 13.70 -15.84 3.63
N SER A 200 14.46 -15.88 2.55
CA SER A 200 15.52 -16.88 2.43
C SER A 200 16.90 -16.37 2.88
N GLY A 201 16.97 -15.09 3.26
CA GLY A 201 18.11 -14.51 3.96
C GLY A 201 17.96 -14.63 5.47
N GLN A 202 18.30 -13.59 6.20
CA GLN A 202 18.11 -13.57 7.65
C GLN A 202 16.75 -12.93 8.03
N PHE A 203 15.69 -13.71 7.84
CA PHE A 203 14.32 -13.23 7.84
C PHE A 203 14.09 -12.66 9.22
N ASN A 204 13.63 -11.42 9.30
CA ASN A 204 13.54 -10.73 10.57
C ASN A 204 12.09 -10.33 10.95
N TRP A 205 11.13 -11.18 10.56
CA TRP A 205 9.76 -11.05 11.06
C TRP A 205 9.69 -10.82 12.54
N ASP A 206 10.50 -11.57 13.31
N ASP A 206 10.47 -11.59 13.32
CA ASP A 206 10.53 -11.42 14.76
CA ASP A 206 10.49 -11.43 14.77
C ASP A 206 10.75 -10.00 15.26
C ASP A 206 10.73 -9.98 15.25
N THR A 207 11.58 -9.25 14.53
CA THR A 207 11.83 -7.85 14.87
C THR A 207 10.57 -7.00 14.67
N TRP A 208 9.90 -7.22 13.53
CA TRP A 208 8.67 -6.50 13.22
C TRP A 208 7.55 -6.84 14.22
N LEU A 209 7.54 -8.09 14.69
CA LEU A 209 6.60 -8.47 15.73
C LEU A 209 6.83 -7.70 17.03
N THR A 210 8.09 -7.61 17.45
CA THR A 210 8.43 -6.79 18.59
C THR A 210 7.98 -5.36 18.41
N TYR A 211 8.23 -4.83 17.22
CA TYR A 211 7.74 -3.49 16.89
C TYR A 211 6.21 -3.37 17.10
N ALA A 212 5.46 -4.31 16.54
CA ALA A 212 3.99 -4.25 16.62
C ALA A 212 3.50 -4.31 18.06
N GLN A 213 4.19 -5.10 18.87
CA GLN A 213 3.74 -5.48 20.21
C GLN A 213 4.11 -4.43 21.23
N THR A 214 5.21 -3.72 21.03
CA THR A 214 5.80 -2.82 22.04
C THR A 214 6.12 -1.38 21.61
N VAL A 215 6.16 -1.10 20.29
CA VAL A 215 6.54 0.21 19.76
C VAL A 215 5.39 0.94 19.07
N SER A 216 4.69 0.23 18.20
CA SER A 216 3.67 0.81 17.37
C SER A 216 2.65 1.50 18.28
N PRO A 217 2.40 2.82 18.07
CA PRO A 217 1.29 3.45 18.84
C PRO A 217 -0.06 2.72 18.72
N ASN A 218 -0.38 2.24 17.55
CA ASN A 218 -1.44 1.26 17.38
C ASN A 218 -1.01 -0.18 17.66
N LYS A 219 -1.37 -0.70 18.84
CA LYS A 219 -0.99 -2.07 19.20
C LYS A 219 -1.70 -3.13 18.35
N ASN A 220 -2.75 -2.73 17.64
CA ASN A 220 -3.53 -3.59 16.74
C ASN A 220 -3.02 -3.49 15.28
N ILE A 221 -1.87 -2.84 15.06
CA ILE A 221 -1.29 -2.75 13.70
C ILE A 221 -1.18 -4.14 13.11
N LYS A 222 -1.47 -4.27 11.82
CA LYS A 222 -1.29 -5.53 11.15
C LYS A 222 -0.09 -5.50 10.25
N LEU A 223 0.70 -6.56 10.39
CA LEU A 223 1.91 -6.75 9.62
C LEU A 223 1.69 -7.65 8.40
N PHE A 224 2.23 -7.24 7.27
CA PHE A 224 2.06 -7.96 6.02
C PHE A 224 3.42 -8.42 5.49
N LEU A 225 3.46 -9.67 5.07
CA LEU A 225 4.62 -10.22 4.33
C LEU A 225 4.67 -9.69 2.91
N GLY A 226 5.58 -8.76 2.66
CA GLY A 226 5.67 -8.09 1.36
C GLY A 226 6.64 -8.79 0.41
N LEU A 227 6.15 -9.17 -0.76
CA LEU A 227 6.87 -10.01 -1.72
C LEU A 227 6.65 -9.52 -3.15
N PRO A 228 7.59 -9.85 -4.05
CA PRO A 228 7.39 -9.75 -5.48
C PRO A 228 6.31 -10.71 -5.99
N GLY A 229 5.52 -10.24 -6.95
CA GLY A 229 4.43 -11.05 -7.48
C GLY A 229 4.85 -12.02 -8.60
N SER A 230 6.09 -11.90 -9.07
CA SER A 230 6.65 -12.82 -10.08
C SER A 230 8.13 -12.77 -10.03
N ALA A 231 8.79 -13.67 -10.78
CA ALA A 231 10.24 -13.65 -10.91
C ALA A 231 10.73 -12.34 -11.58
N SER A 232 9.96 -11.78 -12.51
CA SER A 232 10.33 -10.51 -13.13
C SER A 232 9.82 -9.23 -12.41
N ALA A 233 9.12 -9.36 -11.29
CA ALA A 233 8.59 -8.19 -10.55
C ALA A 233 9.65 -7.44 -9.72
N ALA A 234 10.74 -8.13 -9.43
CA ALA A 234 11.91 -7.49 -8.80
C ALA A 234 13.17 -8.32 -9.07
N GLY A 235 14.33 -7.79 -8.69
CA GLY A 235 15.60 -8.43 -9.03
C GLY A 235 15.77 -9.76 -8.31
N SER A 236 15.34 -9.80 -7.03
CA SER A 236 15.46 -11.04 -6.25
C SER A 236 14.30 -11.14 -5.27
N GLY A 237 14.11 -12.35 -4.76
CA GLY A 237 13.35 -12.63 -3.54
C GLY A 237 11.93 -13.05 -3.87
N TYR A 238 11.65 -13.28 -5.15
CA TYR A 238 10.47 -13.99 -5.53
C TYR A 238 10.52 -15.40 -4.99
N ILE A 239 9.43 -15.86 -4.36
CA ILE A 239 9.34 -17.22 -3.79
C ILE A 239 8.35 -18.07 -4.58
N SER A 240 8.89 -18.98 -5.39
CA SER A 240 8.09 -20.05 -6.05
C SER A 240 8.00 -21.38 -5.31
N ASP A 241 8.72 -21.54 -4.20
CA ASP A 241 8.68 -22.78 -3.44
C ASP A 241 7.49 -22.75 -2.49
N THR A 242 6.44 -23.50 -2.81
CA THR A 242 5.21 -23.43 -2.04
C THR A 242 5.34 -24.12 -0.66
N SER A 243 6.30 -25.03 -0.50
CA SER A 243 6.61 -25.50 0.86
C SER A 243 7.23 -24.41 1.74
N LEU A 244 8.12 -23.61 1.17
CA LEU A 244 8.68 -22.44 1.86
C LEU A 244 7.60 -21.40 2.20
N LEU A 245 6.71 -21.13 1.26
CA LEU A 245 5.56 -20.26 1.54
C LEU A 245 4.68 -20.78 2.65
N GLU A 246 4.36 -22.09 2.64
CA GLU A 246 3.54 -22.69 3.69
C GLU A 246 4.22 -22.59 5.05
N SER A 247 5.51 -22.90 5.11
CA SER A 247 6.20 -22.91 6.40
C SER A 247 6.34 -21.48 6.92
N THR A 248 6.60 -20.57 5.99
CA THR A 248 6.74 -19.16 6.34
C THR A 248 5.44 -18.66 6.93
N ILE A 249 4.34 -18.91 6.22
CA ILE A 249 3.04 -18.47 6.69
C ILE A 249 2.69 -19.11 8.03
N ALA A 250 2.97 -20.41 8.17
CA ALA A 250 2.79 -21.09 9.44
C ALA A 250 3.46 -20.40 10.60
N ASP A 251 4.72 -20.01 10.44
CA ASP A 251 5.47 -19.35 11.51
C ASP A 251 4.84 -18.02 11.90
N ILE A 252 4.48 -17.23 10.89
CA ILE A 252 4.10 -15.84 11.13
C ILE A 252 2.63 -15.66 11.47
N ALA A 253 1.79 -16.61 11.09
CA ALA A 253 0.34 -16.51 11.33
C ALA A 253 -0.12 -16.78 12.77
N SER A 254 0.80 -17.12 13.65
CA SER A 254 0.46 -17.52 14.99
C SER A 254 0.52 -16.35 15.97
N SER A 255 0.48 -15.10 15.46
CA SER A 255 0.02 -13.98 16.27
C SER A 255 -1.14 -13.22 15.66
N SER A 256 -1.82 -12.44 16.52
CA SER A 256 -2.87 -11.56 16.06
C SER A 256 -2.33 -10.36 15.23
N SER A 257 -1.01 -10.12 15.27
CA SER A 257 -0.42 -9.02 14.47
C SER A 257 -0.28 -9.35 13.00
N PHE A 258 -0.45 -10.60 12.61
CA PHE A 258 -0.33 -10.95 11.20
C PHE A 258 -1.58 -10.54 10.41
N GLY A 259 -1.37 -9.76 9.34
CA GLY A 259 -2.46 -9.27 8.44
C GLY A 259 -2.63 -9.97 7.12
N GLY A 260 -1.55 -10.60 6.66
CA GLY A 260 -1.53 -11.27 5.38
C GLY A 260 -0.33 -10.93 4.55
N ILE A 261 -0.54 -10.90 3.23
CA ILE A 261 0.54 -10.77 2.27
C ILE A 261 0.32 -9.52 1.37
N ALA A 262 1.38 -8.76 1.12
CA ALA A 262 1.40 -7.64 0.17
C ALA A 262 2.27 -7.96 -1.05
N LEU A 263 1.81 -7.61 -2.26
CA LEU A 263 2.47 -7.96 -3.52
C LEU A 263 2.77 -6.77 -4.41
N TRP A 264 4.00 -6.70 -4.88
CA TRP A 264 4.35 -5.85 -6.03
C TRP A 264 4.38 -6.69 -7.31
N ASP A 265 3.50 -6.46 -8.28
CA ASP A 265 2.25 -5.69 -8.19
C ASP A 265 1.09 -6.51 -8.78
N ALA A 266 -0.10 -5.92 -8.92
CA ALA A 266 -1.27 -6.66 -9.41
C ALA A 266 -0.96 -7.28 -10.78
N SER A 267 -0.43 -6.47 -11.68
CA SER A 267 -0.14 -6.95 -13.05
C SER A 267 0.70 -8.23 -13.07
N GLN A 268 1.71 -8.26 -12.21
CA GLN A 268 2.60 -9.41 -12.05
C GLN A 268 1.96 -10.56 -11.39
N ALA A 269 1.33 -10.31 -10.24
CA ALA A 269 0.84 -11.39 -9.40
C ALA A 269 -0.31 -12.11 -10.02
N PHE A 270 -1.11 -11.38 -10.82
CA PHE A 270 -2.26 -11.95 -11.50
C PHE A 270 -1.92 -12.64 -12.82
N SER A 271 -0.87 -12.22 -13.49
CA SER A 271 -0.55 -12.79 -14.78
C SER A 271 0.43 -13.96 -14.60
N ASN A 272 1.44 -13.80 -13.74
CA ASN A 272 2.33 -14.91 -13.34
C ASN A 272 1.59 -16.18 -12.84
N GLU A 273 1.77 -17.28 -13.56
CA GLU A 273 1.03 -18.51 -13.27
C GLU A 273 2.01 -19.60 -12.82
N LEU A 274 1.64 -20.35 -11.78
CA LEU A 274 2.25 -21.68 -11.50
C LEU A 274 1.33 -22.90 -11.77
N ASN A 275 1.55 -23.66 -12.84
CA ASN A 275 1.99 -23.16 -14.15
C ASN A 275 0.82 -22.85 -15.12
N GLY A 276 -0.33 -23.48 -14.92
CA GLY A 276 -1.60 -22.75 -14.80
C GLY A 276 -2.07 -22.72 -13.36
N GLU A 277 -1.74 -21.63 -12.64
CA GLU A 277 -2.65 -20.97 -11.71
C GLU A 277 -2.04 -19.63 -11.22
N PRO A 278 -2.83 -18.51 -11.24
CA PRO A 278 -2.23 -17.19 -10.89
C PRO A 278 -1.57 -17.19 -9.53
N TYR A 279 -0.39 -16.61 -9.49
CA TYR A 279 0.40 -16.57 -8.27
C TYR A 279 -0.40 -16.02 -7.11
N VAL A 280 -1.15 -14.96 -7.38
CA VAL A 280 -1.96 -14.33 -6.36
C VAL A 280 -3.01 -15.24 -5.77
N GLU A 281 -3.55 -16.15 -6.58
CA GLU A 281 -4.51 -17.14 -6.10
C GLU A 281 -3.87 -18.22 -5.22
N ILE A 282 -2.67 -18.67 -5.60
CA ILE A 282 -1.91 -19.61 -4.77
C ILE A 282 -1.76 -19.05 -3.35
N LEU A 283 -1.37 -17.79 -3.29
CA LEU A 283 -1.12 -17.13 -2.00
C LEU A 283 -2.37 -16.94 -1.20
N LYS A 284 -3.44 -16.54 -1.87
CA LYS A 284 -4.69 -16.33 -1.16
C LYS A 284 -5.14 -17.61 -0.43
N ASN A 285 -5.05 -18.74 -1.14
CA ASN A 285 -5.50 -20.03 -0.63
C ASN A 285 -4.59 -20.52 0.52
N LEU A 286 -3.29 -20.23 0.41
CA LEU A 286 -2.37 -20.56 1.50
C LEU A 286 -2.73 -19.80 2.76
N LEU A 287 -3.09 -18.52 2.62
CA LEU A 287 -3.56 -17.74 3.78
C LEU A 287 -4.80 -18.34 4.43
N THR A 288 -5.75 -18.75 3.58
CA THR A 288 -7.02 -19.23 4.10
C THR A 288 -6.81 -20.60 4.78
N SER A 289 -5.96 -21.48 4.22
CA SER A 289 -5.63 -22.74 4.91
C SER A 289 -5.02 -22.50 6.28
N ALA A 290 -4.10 -21.55 6.37
CA ALA A 290 -3.38 -21.34 7.58
C ALA A 290 -4.25 -20.81 8.69
N SER A 291 -5.39 -20.19 8.36
CA SER A 291 -6.22 -19.62 9.40
C SER A 291 -7.28 -20.59 9.95
CAO 38F B . 6.34 -1.01 -1.71
CAP 38F B . 5.99 -2.44 -1.28
CAS 38F B . 5.38 -2.94 -0.14
CAT 38F B . 5.17 -4.34 0.01
CAU 38F B . 5.52 -5.20 -1.01
CAV 38F B . 6.14 -4.68 -2.13
CAQ 38F B . 6.39 -3.32 -2.27
CAR 38F B . 7.05 -2.51 -3.39
CAN 38F B . 6.55 -1.10 -3.22
NAM 38F B . 7.47 -0.04 -3.70
CAL 38F B . 7.53 -0.27 -5.17
CAI 38F B . 8.62 0.54 -5.91
OAH 38F B . 9.13 1.62 -5.27
CAJ 38F B . 8.19 0.92 -7.35
OAK 38F B . 8.25 2.37 -7.68
CAF 38F B . 8.19 2.53 -9.09
CAG 38F B . 8.34 3.80 -9.65
CAB 38F B . 8.29 3.95 -11.06
CAA 38F B . 8.46 5.36 -11.63
CAC 38F B . 8.06 2.85 -11.92
CAW 38F B . 7.99 2.98 -13.45
CAD 38F B . 7.91 1.59 -11.37
CAE 38F B . 7.98 1.45 -9.99
#